data_5A3A
#
_entry.id   5A3A
#
_cell.length_a   34.160
_cell.length_b   41.510
_cell.length_c   51.230
_cell.angle_alpha   99.87
_cell.angle_beta   94.63
_cell.angle_gamma   90.77
#
_symmetry.space_group_name_H-M   'P 1'
#
loop_
_entity.id
_entity.type
_entity.pdbx_description
1 polymer 'SIR2 FAMILY PROTEIN'
2 non-polymer GLYCINE
3 non-polymer 'ZINC ION'
4 non-polymer 1,2-ETHANEDIOL
5 water water
#
_entity_poly.entity_id   1
_entity_poly.type   'polypeptide(L)'
_entity_poly.pdbx_seq_one_letter_code
;MGHHHHHHGGMSNWTTYPQKNLTQAEQLAQLIKEADALVVGIGAGMSAADGFTYIGPRFETAFPDFIAKYQFLDMLQASL
FDFEDWQEYWAFQSRFVALNYLDQPVGQSYLDLKEILETKDYHIITTNADNAFWVAGYDPHNIFHIQGEYGLWQCSQHCH
QQTYKDDTVIRQMIAEQKNMKVPGQLIPHCPECEAPFEINKRNEEKGMVEDADFHAQKARYEAFLSEHKEGKVLYLEIGV
GHTTPQFIKHPFWKRVSENPNALFVTLNHKHYRIPLSIRRQSLELTEHIAQLISATKTIYQKS
;
_entity_poly.pdbx_strand_id   A
#
loop_
_chem_comp.id
_chem_comp.type
_chem_comp.name
_chem_comp.formula
EDO non-polymer 1,2-ETHANEDIOL 'C2 H6 O2'
ZN non-polymer 'ZINC ION' 'Zn 2'
#
# COMPACT_ATOMS: atom_id res chain seq x y z
N ASN A 13 25.41 17.45 -2.95
CA ASN A 13 23.99 17.75 -3.29
C ASN A 13 23.31 16.49 -3.87
N TRP A 14 23.30 16.37 -5.20
CA TRP A 14 22.57 15.27 -5.88
C TRP A 14 23.47 14.09 -6.05
N THR A 15 23.57 13.30 -5.00
CA THR A 15 24.41 12.14 -5.02
C THR A 15 23.93 11.18 -3.95
N THR A 16 24.12 9.88 -4.17
CA THR A 16 23.86 8.91 -3.10
C THR A 16 25.18 8.46 -2.47
N ASN A 21 29.29 14.97 6.23
CA ASN A 21 28.87 13.74 6.90
C ASN A 21 27.51 13.93 7.61
N LEU A 22 26.48 13.37 7.00
CA LEU A 22 25.11 13.76 7.33
C LEU A 22 24.37 12.62 7.99
N THR A 23 23.37 12.94 8.81
CA THR A 23 22.46 11.94 9.35
C THR A 23 21.56 11.48 8.20
N GLN A 24 20.89 10.38 8.43
CA GLN A 24 19.94 9.88 7.43
C GLN A 24 18.89 10.90 7.10
N ALA A 25 18.34 11.54 8.11
CA ALA A 25 17.34 12.60 7.87
C ALA A 25 17.87 13.77 7.08
N GLU A 26 19.10 14.21 7.42
CA GLU A 26 19.70 15.28 6.71
C GLU A 26 19.91 14.93 5.26
N GLN A 27 20.43 13.74 5.00
CA GLN A 27 20.61 13.30 3.62
C GLN A 27 19.30 13.25 2.84
N LEU A 28 18.27 12.67 3.44
CA LEU A 28 16.97 12.55 2.74
C LEU A 28 16.36 13.92 2.48
N ALA A 29 16.46 14.85 3.45
CA ALA A 29 15.87 16.16 3.25
C ALA A 29 16.59 16.90 2.10
N GLN A 30 17.90 16.77 2.04
CA GLN A 30 18.69 17.39 0.97
C GLN A 30 18.30 16.85 -0.40
N LEU A 31 18.17 15.53 -0.52
CA LEU A 31 17.78 14.94 -1.80
C LEU A 31 16.36 15.33 -2.26
N ILE A 32 15.41 15.37 -1.34
CA ILE A 32 14.07 15.74 -1.70
C ILE A 32 14.03 17.18 -2.17
N LYS A 33 14.77 18.06 -1.47
CA LYS A 33 14.80 19.44 -1.88
C LYS A 33 15.37 19.62 -3.29
N GLU A 34 16.43 18.88 -3.60
CA GLU A 34 17.10 19.06 -4.86
C GLU A 34 16.41 18.38 -6.01
N ALA A 35 15.57 17.37 -5.70
CA ALA A 35 14.91 16.64 -6.77
C ALA A 35 14.05 17.49 -7.69
N ASP A 36 14.09 17.20 -8.98
CA ASP A 36 13.13 17.79 -9.94
C ASP A 36 11.73 17.23 -9.76
N ALA A 37 11.64 15.97 -9.39
CA ALA A 37 10.33 15.26 -9.21
C ALA A 37 10.55 14.04 -8.36
N LEU A 38 9.47 13.59 -7.71
CA LEU A 38 9.49 12.37 -6.90
C LEU A 38 8.50 11.34 -7.41
N VAL A 39 9.00 10.11 -7.56
CA VAL A 39 8.10 8.96 -7.79
C VAL A 39 8.20 8.13 -6.49
N VAL A 40 7.08 8.04 -5.76
CA VAL A 40 7.09 7.52 -4.43
C VAL A 40 6.35 6.20 -4.40
N GLY A 41 7.02 5.17 -3.92
CA GLY A 41 6.41 3.85 -3.87
C GLY A 41 6.28 3.42 -2.42
N ILE A 42 5.06 3.08 -1.99
CA ILE A 42 4.80 2.84 -0.54
C ILE A 42 4.26 1.44 -0.36
N GLY A 43 4.89 0.71 0.56
CA GLY A 43 4.41 -0.61 0.96
C GLY A 43 4.13 -0.77 2.42
N ALA A 44 4.03 -2.02 2.86
CA ALA A 44 3.38 -2.32 4.10
C ALA A 44 4.15 -1.77 5.31
N GLY A 45 5.46 -1.61 5.14
CA GLY A 45 6.31 -1.05 6.21
C GLY A 45 5.95 0.32 6.68
N MET A 46 5.46 1.15 5.79
CA MET A 46 5.01 2.47 6.20
CA MET A 46 4.98 2.50 6.14
C MET A 46 3.82 2.44 7.13
N SER A 47 2.81 1.62 6.83
CA SER A 47 1.69 1.47 7.77
C SER A 47 2.13 0.79 9.10
N ALA A 48 3.01 -0.19 9.04
CA ALA A 48 3.51 -0.85 10.28
C ALA A 48 4.25 0.15 11.15
N ALA A 49 5.00 1.05 10.50
CA ALA A 49 5.79 2.07 11.26
C ALA A 49 4.89 3.00 12.08
N ASP A 50 3.66 3.25 11.59
CA ASP A 50 2.65 4.03 12.31
C ASP A 50 1.78 3.24 13.26
N GLY A 51 2.12 1.98 13.48
CA GLY A 51 1.38 1.16 14.42
C GLY A 51 0.32 0.22 13.84
N PHE A 52 0.15 0.29 12.54
CA PHE A 52 -0.85 -0.51 11.81
C PHE A 52 -0.21 -1.83 11.42
N THR A 53 0.04 -2.62 12.47
CA THR A 53 0.81 -3.86 12.34
C THR A 53 -0.04 -5.07 11.97
N TYR A 54 0.63 -6.08 11.37
CA TYR A 54 -0.05 -7.31 10.89
C TYR A 54 0.45 -8.57 11.63
N ILE A 55 1.31 -8.38 12.59
CA ILE A 55 1.72 -9.49 13.45
C ILE A 55 1.76 -8.94 14.88
N GLY A 56 1.65 -9.80 15.86
CA GLY A 56 1.75 -9.36 17.26
C GLY A 56 0.36 -9.03 17.83
N PRO A 57 0.33 -8.25 18.90
CA PRO A 57 -0.89 -8.04 19.66
CA PRO A 57 -0.89 -8.02 19.68
C PRO A 57 -2.07 -7.45 18.87
N ARG A 58 -1.80 -6.60 17.89
CA ARG A 58 -2.90 -6.02 17.09
C ARG A 58 -3.70 -7.14 16.35
N PHE A 59 -2.98 -8.10 15.81
CA PHE A 59 -3.58 -9.24 15.16
C PHE A 59 -4.19 -10.20 16.20
N GLU A 60 -3.42 -10.51 17.24
CA GLU A 60 -3.88 -11.49 18.27
C GLU A 60 -5.14 -11.02 18.97
N THR A 61 -5.26 -9.73 19.23
CA THR A 61 -6.44 -9.18 19.92
C THR A 61 -7.65 -9.21 19.03
N ALA A 62 -7.43 -8.97 17.74
CA ALA A 62 -8.55 -8.82 16.78
C ALA A 62 -9.10 -10.16 16.31
N PHE A 63 -8.25 -11.20 16.26
CA PHE A 63 -8.63 -12.49 15.63
C PHE A 63 -8.28 -13.72 16.47
N PRO A 64 -8.60 -13.72 17.75
CA PRO A 64 -8.19 -14.89 18.58
C PRO A 64 -8.90 -16.20 18.15
N ASP A 65 -10.14 -16.10 17.71
CA ASP A 65 -10.92 -17.22 17.15
C ASP A 65 -10.31 -17.84 15.93
N PHE A 66 -10.06 -17.04 14.92
CA PHE A 66 -9.40 -17.53 13.73
C PHE A 66 -7.98 -18.05 13.98
N ILE A 67 -7.20 -17.40 14.85
CA ILE A 67 -5.86 -17.83 15.17
C ILE A 67 -5.93 -19.22 15.86
N ALA A 68 -6.86 -19.40 16.77
CA ALA A 68 -6.99 -20.71 17.48
C ALA A 68 -7.38 -21.83 16.51
N LYS A 69 -8.18 -21.51 15.52
CA LYS A 69 -8.66 -22.54 14.56
C LYS A 69 -7.59 -22.92 13.57
N TYR A 70 -6.89 -21.93 13.00
CA TYR A 70 -6.00 -22.14 11.87
C TYR A 70 -4.51 -21.98 12.15
N GLN A 71 -4.14 -21.58 13.37
CA GLN A 71 -2.74 -21.27 13.73
C GLN A 71 -2.11 -20.19 12.86
N PHE A 72 -2.88 -19.24 12.37
CA PHE A 72 -2.29 -18.15 11.61
C PHE A 72 -1.15 -17.48 12.37
N LEU A 73 -0.09 -17.17 11.60
CA LEU A 73 1.06 -16.50 12.08
C LEU A 73 0.87 -14.97 12.03
N ASP A 74 0.23 -14.49 10.97
CA ASP A 74 0.06 -13.06 10.80
C ASP A 74 -1.18 -12.73 10.00
N MET A 75 -1.55 -11.46 10.04
CA MET A 75 -2.84 -11.03 9.51
C MET A 75 -2.84 -10.97 7.96
N LEU A 76 -1.68 -10.78 7.35
CA LEU A 76 -1.59 -10.87 5.89
C LEU A 76 -1.81 -12.30 5.39
N GLN A 77 -1.13 -13.28 5.98
CA GLN A 77 -1.42 -14.70 5.69
C GLN A 77 -2.92 -14.98 5.83
N ALA A 78 -3.51 -14.46 6.90
CA ALA A 78 -4.89 -14.78 7.18
C ALA A 78 -5.79 -14.15 6.12
N SER A 79 -5.44 -12.95 5.66
CA SER A 79 -6.30 -12.27 4.69
C SER A 79 -6.29 -12.90 3.29
N LEU A 80 -5.26 -13.69 2.99
CA LEU A 80 -5.14 -14.41 1.72
C LEU A 80 -5.64 -15.84 1.76
N PHE A 81 -6.02 -16.32 2.93
CA PHE A 81 -6.32 -17.75 3.13
C PHE A 81 -7.63 -18.16 2.43
N ASP A 82 -7.68 -19.39 1.93
CA ASP A 82 -8.92 -19.92 1.34
C ASP A 82 -9.77 -20.55 2.46
N PHE A 83 -10.70 -19.73 2.96
CA PHE A 83 -11.53 -20.11 4.08
C PHE A 83 -12.47 -21.26 3.71
N GLU A 84 -13.05 -21.88 4.73
CA GLU A 84 -13.92 -23.08 4.58
C GLU A 84 -15.13 -22.89 3.64
N ASP A 85 -15.80 -21.77 3.80
CA ASP A 85 -16.93 -21.41 2.98
C ASP A 85 -17.06 -19.89 3.02
N TRP A 86 -17.96 -19.37 2.22
CA TRP A 86 -18.20 -17.93 2.13
C TRP A 86 -18.73 -17.31 3.44
N GLN A 87 -19.43 -18.08 4.25
CA GLN A 87 -19.83 -17.61 5.57
C GLN A 87 -18.65 -17.31 6.43
N GLU A 88 -17.65 -18.19 6.40
CA GLU A 88 -16.40 -17.96 7.14
C GLU A 88 -15.55 -16.87 6.54
N TYR A 89 -15.41 -16.87 5.20
CA TYR A 89 -14.68 -15.81 4.52
C TYR A 89 -15.17 -14.45 4.96
N TRP A 90 -16.48 -14.24 4.91
CA TRP A 90 -17.02 -12.89 5.25
C TRP A 90 -16.96 -12.59 6.75
N ALA A 91 -16.97 -13.60 7.61
CA ALA A 91 -16.79 -13.34 9.03
C ALA A 91 -15.41 -12.76 9.28
N PHE A 92 -14.39 -13.34 8.63
CA PHE A 92 -13.00 -12.83 8.77
C PHE A 92 -12.87 -11.46 8.10
N GLN A 93 -13.30 -11.37 6.85
CA GLN A 93 -12.98 -10.19 6.07
C GLN A 93 -13.74 -8.95 6.57
N SER A 94 -14.99 -9.12 7.03
CA SER A 94 -15.73 -7.96 7.57
C SER A 94 -14.96 -7.29 8.73
N ARG A 95 -14.52 -8.10 9.69
CA ARG A 95 -13.68 -7.61 10.81
C ARG A 95 -12.36 -7.04 10.32
N PHE A 96 -11.74 -7.66 9.32
CA PHE A 96 -10.45 -7.18 8.74
C PHE A 96 -10.63 -5.78 8.10
N VAL A 97 -11.72 -5.62 7.38
CA VAL A 97 -12.05 -4.32 6.72
C VAL A 97 -12.29 -3.22 7.80
N ALA A 98 -13.01 -3.53 8.86
CA ALA A 98 -13.22 -2.52 9.91
C ALA A 98 -11.92 -2.10 10.54
N LEU A 99 -11.07 -3.08 10.85
CA LEU A 99 -9.79 -2.78 11.50
C LEU A 99 -8.86 -1.92 10.64
N ASN A 100 -8.77 -2.29 9.35
CA ASN A 100 -7.74 -1.75 8.49
C ASN A 100 -8.28 -0.74 7.50
N TYR A 101 -9.59 -0.46 7.51
CA TYR A 101 -10.13 0.45 6.49
C TYR A 101 -11.22 1.37 7.01
N LEU A 102 -12.22 0.83 7.69
CA LEU A 102 -13.30 1.69 8.20
C LEU A 102 -12.86 2.48 9.40
N ASP A 103 -12.17 1.86 10.33
CA ASP A 103 -11.88 2.52 11.62
C ASP A 103 -10.39 2.84 11.91
N GLN A 104 -9.48 2.50 11.01
CA GLN A 104 -8.09 2.76 11.19
C GLN A 104 -7.85 4.27 11.27
N PRO A 105 -7.23 4.72 12.37
CA PRO A 105 -7.02 6.17 12.51
C PRO A 105 -5.86 6.68 11.67
N VAL A 106 -5.76 8.00 11.57
CA VAL A 106 -4.66 8.61 10.77
C VAL A 106 -3.28 8.33 11.39
N GLY A 107 -2.32 8.06 10.49
CA GLY A 107 -0.94 7.85 10.85
C GLY A 107 -0.08 9.11 10.72
N GLN A 108 0.69 9.40 11.76
CA GLN A 108 1.54 10.59 11.74
C GLN A 108 2.55 10.58 10.60
N SER A 109 3.10 9.42 10.22
CA SER A 109 4.07 9.39 9.13
CA SER A 109 4.08 9.39 9.12
C SER A 109 3.46 9.77 7.80
N TYR A 110 2.19 9.36 7.57
CA TYR A 110 1.44 9.81 6.40
C TYR A 110 1.23 11.32 6.36
N LEU A 111 0.88 11.89 7.51
CA LEU A 111 0.73 13.34 7.60
C LEU A 111 2.05 14.08 7.33
N ASP A 112 3.12 13.63 7.97
CA ASP A 112 4.47 14.22 7.81
C ASP A 112 4.94 14.11 6.38
N LEU A 113 4.80 12.94 5.77
CA LEU A 113 5.20 12.83 4.35
C LEU A 113 4.40 13.75 3.46
N LYS A 114 3.10 13.83 3.69
CA LYS A 114 2.24 14.67 2.88
C LYS A 114 2.75 16.14 2.90
N GLU A 115 3.14 16.63 4.06
CA GLU A 115 3.58 18.01 4.18
C GLU A 115 4.82 18.23 3.32
N ILE A 116 5.72 17.25 3.29
CA ILE A 116 6.87 17.35 2.39
C ILE A 116 6.46 17.31 0.93
N LEU A 117 5.67 16.32 0.53
CA LEU A 117 5.37 16.09 -0.90
C LEU A 117 4.57 17.22 -1.56
N GLU A 118 3.75 17.88 -0.78
CA GLU A 118 2.90 18.97 -1.34
C GLU A 118 3.74 20.15 -1.90
N THR A 119 5.01 20.26 -1.51
CA THR A 119 5.94 21.26 -2.08
C THR A 119 6.62 20.80 -3.42
N LYS A 120 6.34 19.58 -3.86
CA LYS A 120 7.07 18.92 -4.97
C LYS A 120 6.12 18.45 -6.06
N ASP A 121 6.67 18.22 -7.25
CA ASP A 121 5.98 17.47 -8.30
CA ASP A 121 5.97 17.46 -8.31
C ASP A 121 6.18 15.99 -8.00
N TYR A 122 5.08 15.29 -7.68
CA TYR A 122 5.16 13.87 -7.24
C TYR A 122 3.98 13.05 -7.73
N HIS A 123 4.16 11.72 -7.69
CA HIS A 123 3.08 10.79 -7.80
C HIS A 123 3.43 9.58 -6.94
N ILE A 124 2.41 9.00 -6.36
CA ILE A 124 2.52 7.81 -5.48
C ILE A 124 1.94 6.57 -6.14
N ILE A 125 2.69 5.45 -6.05
CA ILE A 125 2.12 4.14 -6.33
C ILE A 125 2.23 3.32 -5.02
N THR A 126 1.17 2.62 -4.69
CA THR A 126 1.15 1.81 -3.46
C THR A 126 0.60 0.40 -3.72
N THR A 127 1.19 -0.56 -3.03
CA THR A 127 0.63 -1.93 -2.96
C THR A 127 -0.19 -2.11 -1.70
N ASN A 128 -0.24 -1.08 -0.84
CA ASN A 128 -1.17 -1.12 0.34
C ASN A 128 -2.62 -0.95 -0.10
N ALA A 129 -3.55 -1.38 0.74
CA ALA A 129 -5.00 -1.33 0.43
C ALA A 129 -5.79 -0.82 1.59
N ASP A 130 -5.09 -0.32 2.61
CA ASP A 130 -5.74 0.31 3.80
C ASP A 130 -6.18 1.73 3.51
N ASN A 131 -6.78 2.39 4.51
CA ASN A 131 -7.34 3.72 4.35
C ASN A 131 -6.36 4.85 4.50
N ALA A 132 -5.07 4.55 4.64
CA ALA A 132 -4.14 5.55 5.23
C ALA A 132 -4.01 6.86 4.47
N PHE A 133 -4.01 6.84 3.15
CA PHE A 133 -3.89 8.06 2.36
C PHE A 133 -5.17 8.88 2.47
N TRP A 134 -6.32 8.23 2.68
CA TRP A 134 -7.62 8.96 2.72
C TRP A 134 -7.82 9.67 4.06
N VAL A 135 -7.55 9.00 5.17
CA VAL A 135 -7.66 9.68 6.46
CA VAL A 135 -7.66 9.64 6.47
C VAL A 135 -6.60 10.72 6.69
N ALA A 136 -5.48 10.63 5.95
CA ALA A 136 -4.44 11.64 6.00
C ALA A 136 -4.69 12.76 4.96
N GLY A 137 -5.76 12.67 4.21
CA GLY A 137 -6.11 13.78 3.32
C GLY A 137 -5.31 13.99 2.06
N TYR A 138 -4.74 12.92 1.51
CA TYR A 138 -4.07 13.01 0.20
C TYR A 138 -5.09 13.20 -0.97
N ASP A 139 -4.62 13.86 -2.03
CA ASP A 139 -5.40 14.00 -3.27
C ASP A 139 -5.43 12.68 -4.01
N PRO A 140 -6.63 12.07 -4.16
CA PRO A 140 -6.70 10.79 -4.88
C PRO A 140 -6.20 10.81 -6.32
N HIS A 141 -6.09 11.97 -6.95
CA HIS A 141 -5.55 12.00 -8.28
C HIS A 141 -4.02 11.75 -8.36
N ASN A 142 -3.35 11.73 -7.21
CA ASN A 142 -1.90 11.62 -7.17
C ASN A 142 -1.47 10.25 -6.61
N ILE A 143 -2.43 9.35 -6.42
CA ILE A 143 -2.18 8.02 -5.85
C ILE A 143 -2.74 6.88 -6.73
N PHE A 144 -1.89 5.87 -7.04
CA PHE A 144 -2.28 4.66 -7.79
C PHE A 144 -2.32 3.45 -6.82
N HIS A 145 -3.53 3.00 -6.50
CA HIS A 145 -3.70 1.78 -5.65
C HIS A 145 -3.64 0.53 -6.56
N ILE A 146 -2.45 0.08 -6.88
CA ILE A 146 -2.32 -1.00 -7.90
C ILE A 146 -2.82 -2.38 -7.40
N GLN A 147 -2.99 -2.54 -6.08
CA GLN A 147 -3.48 -3.80 -5.50
C GLN A 147 -4.86 -3.67 -4.90
N GLY A 148 -5.60 -2.65 -5.34
CA GLY A 148 -6.97 -2.41 -4.93
C GLY A 148 -7.09 -1.79 -3.58
N GLU A 149 -8.29 -1.86 -2.98
CA GLU A 149 -8.55 -1.28 -1.67
C GLU A 149 -9.49 -2.19 -0.90
N TYR A 150 -9.29 -2.30 0.40
CA TYR A 150 -10.07 -3.23 1.22
C TYR A 150 -11.54 -2.79 1.32
N GLY A 151 -11.83 -1.50 1.11
CA GLY A 151 -13.19 -0.99 1.12
C GLY A 151 -14.03 -1.33 -0.12
N LEU A 152 -13.42 -1.97 -1.12
CA LEU A 152 -14.09 -2.32 -2.39
C LEU A 152 -14.28 -3.80 -2.53
N TRP A 153 -15.29 -4.19 -3.32
CA TRP A 153 -15.59 -5.57 -3.59
C TRP A 153 -15.52 -5.83 -5.10
N GLN A 154 -15.27 -7.07 -5.45
CA GLN A 154 -15.36 -7.52 -6.86
C GLN A 154 -16.10 -8.84 -6.95
N CYS A 155 -16.73 -9.12 -8.10
CA CYS A 155 -17.24 -10.44 -8.35
C CYS A 155 -16.17 -11.51 -8.16
N SER A 156 -16.45 -12.59 -7.41
CA SER A 156 -15.46 -13.63 -7.17
C SER A 156 -15.10 -14.48 -8.43
N GLN A 157 -15.97 -14.43 -9.46
CA GLN A 157 -15.67 -14.99 -10.77
C GLN A 157 -15.17 -13.95 -11.77
N HIS A 158 -14.97 -12.71 -11.31
CA HIS A 158 -14.40 -11.62 -12.14
C HIS A 158 -15.24 -11.46 -13.41
N CYS A 159 -16.55 -11.55 -13.31
CA CYS A 159 -17.37 -11.71 -14.53
C CYS A 159 -17.53 -10.41 -15.30
N HIS A 160 -17.31 -9.29 -14.63
CA HIS A 160 -17.32 -7.99 -15.27
C HIS A 160 -16.41 -7.04 -14.49
N GLN A 161 -15.93 -5.99 -15.17
CA GLN A 161 -14.88 -5.11 -14.61
C GLN A 161 -15.50 -3.89 -13.92
N GLN A 162 -16.07 -4.14 -12.73
CA GLN A 162 -16.64 -3.09 -11.91
CA GLN A 162 -16.68 -3.09 -11.92
C GLN A 162 -16.46 -3.45 -10.45
N THR A 163 -16.13 -2.45 -9.63
CA THR A 163 -16.06 -2.64 -8.19
C THR A 163 -17.28 -2.06 -7.50
N TYR A 164 -17.55 -2.56 -6.29
CA TYR A 164 -18.72 -2.21 -5.54
C TYR A 164 -18.31 -1.94 -4.09
N LYS A 165 -19.18 -1.29 -3.33
CA LYS A 165 -18.90 -1.10 -1.91
C LYS A 165 -20.18 -1.03 -1.13
N ASP A 166 -20.11 -1.41 0.15
CA ASP A 166 -21.24 -1.29 1.05
C ASP A 166 -20.82 -1.43 2.52
N ASP A 167 -20.39 -0.31 3.10
CA ASP A 167 -19.84 -0.30 4.44
C ASP A 167 -20.90 -0.74 5.47
N THR A 168 -22.16 -0.41 5.20
CA THR A 168 -23.24 -0.85 6.10
CA THR A 168 -23.30 -0.85 6.03
C THR A 168 -23.35 -2.38 6.19
N VAL A 169 -23.18 -3.11 5.07
CA VAL A 169 -23.20 -4.53 5.08
C VAL A 169 -22.00 -5.03 5.89
N ILE A 170 -20.82 -4.41 5.70
CA ILE A 170 -19.66 -4.79 6.56
C ILE A 170 -19.98 -4.71 8.05
N ARG A 171 -20.57 -3.61 8.51
CA ARG A 171 -20.92 -3.47 9.92
C ARG A 171 -21.98 -4.52 10.32
N GLN A 172 -22.95 -4.78 9.47
CA GLN A 172 -23.96 -5.85 9.75
C GLN A 172 -23.27 -7.21 9.93
N MET A 173 -22.30 -7.52 9.07
CA MET A 173 -21.58 -8.78 9.20
C MET A 173 -20.78 -8.91 10.52
N ILE A 174 -20.18 -7.83 10.96
CA ILE A 174 -19.48 -7.82 12.24
C ILE A 174 -20.46 -8.04 13.43
N ALA A 175 -21.61 -7.38 13.38
CA ALA A 175 -22.60 -7.46 14.43
C ALA A 175 -23.33 -8.77 14.48
N GLU A 176 -23.61 -9.37 13.30
CA GLU A 176 -24.47 -10.57 13.23
C GLU A 176 -23.70 -11.88 13.17
N GLN A 177 -22.40 -11.85 12.92
CA GLN A 177 -21.68 -13.13 12.88
C GLN A 177 -21.64 -13.79 14.26
N LYS A 178 -21.54 -15.11 14.25
CA LYS A 178 -21.35 -15.91 15.46
C LYS A 178 -20.55 -17.09 15.09
N ASN A 179 -19.68 -17.52 15.98
CA ASN A 179 -18.99 -18.78 15.80
C ASN A 179 -18.25 -18.81 14.43
N MET A 180 -17.62 -17.70 14.09
CA MET A 180 -16.80 -17.56 12.86
C MET A 180 -17.60 -17.69 11.55
N LYS A 181 -18.89 -17.37 11.60
CA LYS A 181 -19.74 -17.43 10.38
C LYS A 181 -20.72 -16.27 10.30
N VAL A 182 -20.79 -15.58 9.16
CA VAL A 182 -21.88 -14.67 8.96
C VAL A 182 -23.14 -15.43 8.57
N PRO A 183 -24.32 -14.90 8.93
CA PRO A 183 -25.55 -15.58 8.41
C PRO A 183 -25.55 -15.59 6.87
N GLY A 184 -26.06 -16.68 6.29
CA GLY A 184 -26.02 -16.86 4.83
C GLY A 184 -26.73 -15.75 4.08
N GLN A 185 -27.80 -15.21 4.68
CA GLN A 185 -28.59 -14.18 4.02
C GLN A 185 -27.87 -12.83 3.87
N LEU A 186 -26.77 -12.64 4.62
CA LEU A 186 -26.00 -11.41 4.57
C LEU A 186 -24.89 -11.46 3.53
N ILE A 187 -24.58 -12.65 3.03
CA ILE A 187 -23.52 -12.75 2.02
C ILE A 187 -23.96 -12.01 0.76
N PRO A 188 -23.13 -11.06 0.26
CA PRO A 188 -23.51 -10.29 -0.91
C PRO A 188 -23.14 -11.04 -2.20
N HIS A 189 -24.00 -10.93 -3.21
CA HIS A 189 -23.77 -11.57 -4.52
C HIS A 189 -23.74 -10.60 -5.70
N CYS A 190 -22.93 -10.94 -6.68
CA CYS A 190 -22.78 -10.19 -7.90
C CYS A 190 -24.12 -10.11 -8.60
N PRO A 191 -24.53 -8.91 -9.05
CA PRO A 191 -25.79 -8.76 -9.80
C PRO A 191 -25.78 -9.41 -11.18
N GLU A 192 -24.60 -9.57 -11.77
CA GLU A 192 -24.49 -10.10 -13.12
C GLU A 192 -24.50 -11.62 -13.20
N CYS A 193 -23.90 -12.33 -12.24
CA CYS A 193 -23.77 -13.76 -12.37
C CYS A 193 -24.16 -14.55 -11.11
N GLU A 194 -24.48 -13.82 -10.04
CA GLU A 194 -24.91 -14.35 -8.74
CA GLU A 194 -24.93 -14.39 -8.78
C GLU A 194 -23.80 -15.05 -7.94
N ALA A 195 -22.55 -14.97 -8.39
CA ALA A 195 -21.43 -15.48 -7.57
C ALA A 195 -21.27 -14.58 -6.34
N PRO A 196 -20.80 -15.16 -5.24
CA PRO A 196 -20.51 -14.23 -4.08
C PRO A 196 -19.52 -13.11 -4.49
N PHE A 197 -19.73 -11.90 -3.96
CA PHE A 197 -18.68 -10.90 -3.95
C PHE A 197 -17.54 -11.37 -3.04
N GLU A 198 -16.35 -10.81 -3.31
CA GLU A 198 -15.17 -10.93 -2.49
C GLU A 198 -14.49 -9.54 -2.39
N ILE A 199 -13.53 -9.41 -1.49
CA ILE A 199 -12.75 -8.16 -1.40
C ILE A 199 -11.97 -7.98 -2.73
N ASN A 200 -11.95 -6.74 -3.21
CA ASN A 200 -11.14 -6.34 -4.38
C ASN A 200 -9.62 -6.57 -4.10
N LYS A 201 -9.09 -7.72 -4.55
CA LYS A 201 -7.71 -8.11 -4.29
CA LYS A 201 -7.75 -8.22 -4.23
C LYS A 201 -7.15 -8.85 -5.47
N ARG A 202 -5.82 -8.76 -5.62
CA ARG A 202 -5.17 -9.31 -6.77
C ARG A 202 -4.61 -10.68 -6.42
N ASN A 203 -4.91 -11.66 -7.26
CA ASN A 203 -4.49 -13.03 -7.06
C ASN A 203 -3.50 -13.35 -8.20
N GLU A 204 -2.52 -14.20 -7.93
CA GLU A 204 -1.52 -14.51 -8.93
C GLU A 204 -2.23 -15.19 -10.10
N GLU A 205 -3.09 -16.15 -9.79
CA GLU A 205 -3.75 -16.98 -10.79
C GLU A 205 -4.88 -16.27 -11.54
N LYS A 206 -5.64 -15.43 -10.83
CA LYS A 206 -6.87 -14.85 -11.38
C LYS A 206 -6.77 -13.32 -11.67
N GLY A 207 -5.67 -12.68 -11.28
CA GLY A 207 -5.56 -11.23 -11.44
C GLY A 207 -6.46 -10.48 -10.48
N MET A 208 -6.93 -9.31 -10.91
CA MET A 208 -7.80 -8.46 -10.11
C MET A 208 -8.80 -7.83 -11.04
N VAL A 209 -10.00 -7.56 -10.55
CA VAL A 209 -10.93 -6.71 -11.27
C VAL A 209 -10.35 -5.30 -11.29
N GLU A 210 -10.30 -4.74 -12.51
CA GLU A 210 -9.69 -3.44 -12.79
C GLU A 210 -10.71 -2.58 -13.51
N ASP A 211 -11.44 -1.79 -12.74
CA ASP A 211 -12.53 -1.03 -13.29
C ASP A 211 -12.08 0.29 -13.88
N ALA A 212 -13.05 1.09 -14.32
CA ALA A 212 -12.72 2.40 -14.94
C ALA A 212 -11.87 3.31 -14.06
N ASP A 213 -12.19 3.37 -12.75
CA ASP A 213 -11.42 4.16 -11.84
C ASP A 213 -9.97 3.63 -11.71
N PHE A 214 -9.80 2.32 -11.66
CA PHE A 214 -8.42 1.75 -11.62
C PHE A 214 -7.62 2.17 -12.86
N HIS A 215 -8.26 2.08 -14.03
CA HIS A 215 -7.53 2.47 -15.27
C HIS A 215 -7.23 3.97 -15.34
N ALA A 216 -8.08 4.81 -14.74
CA ALA A 216 -7.86 6.25 -14.72
C ALA A 216 -6.66 6.52 -13.79
N GLN A 217 -6.61 5.86 -12.63
CA GLN A 217 -5.40 5.95 -11.81
C GLN A 217 -4.13 5.51 -12.56
N LYS A 218 -4.19 4.35 -13.21
CA LYS A 218 -3.01 3.80 -13.88
C LYS A 218 -2.54 4.77 -14.98
N ALA A 219 -3.52 5.38 -15.67
CA ALA A 219 -3.21 6.32 -16.79
C ALA A 219 -2.51 7.57 -16.23
N ARG A 220 -3.00 8.09 -15.06
CA ARG A 220 -2.35 9.23 -14.43
C ARG A 220 -0.95 8.92 -14.01
N TYR A 221 -0.74 7.70 -13.46
CA TYR A 221 0.61 7.32 -13.03
C TYR A 221 1.58 7.17 -14.23
N GLU A 222 1.09 6.54 -15.29
CA GLU A 222 1.87 6.35 -16.55
C GLU A 222 2.14 7.70 -17.22
N ALA A 223 1.21 8.65 -17.13
CA ALA A 223 1.46 9.98 -17.72
C ALA A 223 2.59 10.69 -16.95
N PHE A 224 2.55 10.61 -15.60
CA PHE A 224 3.58 11.25 -14.78
C PHE A 224 4.95 10.63 -15.10
N LEU A 225 5.04 9.29 -15.20
CA LEU A 225 6.30 8.64 -15.59
C LEU A 225 6.80 9.15 -16.95
N SER A 226 5.88 9.37 -17.86
CA SER A 226 6.24 9.75 -19.24
CA SER A 226 6.20 9.76 -19.24
CA SER A 226 6.28 9.73 -19.24
C SER A 226 6.80 11.15 -19.28
N GLU A 227 6.36 11.98 -18.36
CA GLU A 227 6.87 13.36 -18.24
C GLU A 227 8.20 13.46 -17.52
N HIS A 228 8.65 12.38 -16.85
CA HIS A 228 9.81 12.40 -16.01
C HIS A 228 10.71 11.22 -16.34
N LYS A 229 10.95 11.00 -17.63
CA LYS A 229 11.99 10.07 -18.09
C LYS A 229 13.41 10.62 -17.97
N GLU A 230 13.53 11.95 -17.88
CA GLU A 230 14.81 12.61 -17.68
C GLU A 230 14.81 13.49 -16.44
N GLY A 231 15.99 13.96 -16.07
CA GLY A 231 16.14 14.88 -14.96
C GLY A 231 16.46 14.20 -13.63
N LYS A 232 16.48 15.01 -12.56
CA LYS A 232 16.86 14.58 -11.25
C LYS A 232 15.61 14.03 -10.60
N VAL A 233 15.27 12.81 -10.98
CA VAL A 233 14.06 12.15 -10.49
C VAL A 233 14.44 11.22 -9.34
N LEU A 234 13.80 11.45 -8.19
CA LEU A 234 14.01 10.65 -7.01
C LEU A 234 12.95 9.57 -6.91
N TYR A 235 13.38 8.32 -7.02
CA TYR A 235 12.53 7.14 -6.85
C TYR A 235 12.66 6.77 -5.37
N LEU A 236 11.63 7.14 -4.60
CA LEU A 236 11.67 7.00 -3.14
C LEU A 236 10.77 5.83 -2.74
N GLU A 237 11.37 4.79 -2.21
CA GLU A 237 10.68 3.54 -1.94
C GLU A 237 10.60 3.36 -0.42
N ILE A 238 9.38 3.32 0.14
CA ILE A 238 9.18 3.37 1.56
C ILE A 238 8.48 2.09 2.07
N GLY A 239 9.21 1.26 2.82
CA GLY A 239 8.57 0.10 3.46
C GLY A 239 8.12 -1.01 2.51
N VAL A 240 8.81 -1.13 1.39
CA VAL A 240 8.46 -2.12 0.36
C VAL A 240 9.32 -3.37 0.56
N GLY A 241 8.64 -4.46 0.86
CA GLY A 241 9.34 -5.74 1.08
C GLY A 241 9.45 -6.62 -0.15
N HIS A 242 9.46 -7.93 0.09
CA HIS A 242 9.84 -8.92 -0.88
C HIS A 242 8.62 -9.48 -1.59
N THR A 243 7.44 -9.18 -1.06
CA THR A 243 6.22 -9.92 -1.39
C THR A 243 5.86 -9.90 -2.87
N THR A 244 5.68 -8.72 -3.46
CA THR A 244 5.24 -8.60 -4.84
C THR A 244 6.15 -7.57 -5.54
N PRO A 245 7.42 -7.96 -5.76
CA PRO A 245 8.42 -6.98 -6.22
C PRO A 245 8.17 -6.47 -7.65
N GLN A 246 7.30 -7.15 -8.39
CA GLN A 246 7.03 -6.76 -9.74
C GLN A 246 6.27 -5.43 -9.85
N PHE A 247 5.69 -4.95 -8.74
CA PHE A 247 4.83 -3.74 -8.81
C PHE A 247 5.53 -2.43 -8.52
N ILE A 248 6.46 -2.41 -7.56
CA ILE A 248 7.20 -1.21 -7.22
C ILE A 248 8.72 -1.39 -7.30
N LYS A 249 9.24 -2.37 -6.58
CA LYS A 249 10.69 -2.45 -6.35
C LYS A 249 11.40 -2.66 -7.73
N HIS A 250 10.99 -3.69 -8.46
CA HIS A 250 11.65 -3.97 -9.72
C HIS A 250 11.43 -2.90 -10.76
N PRO A 251 10.20 -2.39 -10.92
CA PRO A 251 10.06 -1.26 -11.87
C PRO A 251 10.85 -0.04 -11.49
N PHE A 252 11.01 0.25 -10.19
CA PHE A 252 11.82 1.38 -9.77
C PHE A 252 13.28 1.18 -10.12
N TRP A 253 13.81 -0.01 -9.84
CA TRP A 253 15.18 -0.35 -10.25
C TRP A 253 15.40 -0.08 -11.73
N LYS A 254 14.46 -0.54 -12.55
CA LYS A 254 14.51 -0.32 -14.03
C LYS A 254 14.45 1.13 -14.46
N ARG A 255 13.58 1.94 -13.82
CA ARG A 255 13.52 3.36 -14.16
C ARG A 255 14.84 4.06 -13.83
N VAL A 256 15.45 3.70 -12.71
CA VAL A 256 16.68 4.30 -12.29
C VAL A 256 17.82 3.90 -13.23
N SER A 257 17.84 2.65 -13.65
CA SER A 257 18.80 2.20 -14.66
C SER A 257 18.71 3.07 -15.95
N GLU A 258 17.49 3.29 -16.42
CA GLU A 258 17.22 3.92 -17.75
C GLU A 258 17.52 5.44 -17.74
N ASN A 259 17.49 6.06 -16.56
CA ASN A 259 17.78 7.50 -16.41
C ASN A 259 19.03 7.70 -15.55
N PRO A 260 20.19 7.96 -16.18
CA PRO A 260 21.40 8.07 -15.37
C PRO A 260 21.42 9.24 -14.38
N ASN A 261 20.47 10.16 -14.49
CA ASN A 261 20.37 11.27 -13.52
C ASN A 261 19.34 11.01 -12.42
N ALA A 262 18.70 9.85 -12.45
CA ALA A 262 17.76 9.48 -11.35
C ALA A 262 18.49 8.91 -10.17
N LEU A 263 17.83 8.90 -9.01
CA LEU A 263 18.34 8.27 -7.80
C LEU A 263 17.30 7.34 -7.22
N PHE A 264 17.79 6.24 -6.60
CA PHE A 264 16.93 5.28 -5.90
C PHE A 264 17.26 5.36 -4.41
N VAL A 265 16.30 5.78 -3.58
CA VAL A 265 16.44 5.87 -2.16
C VAL A 265 15.38 5.01 -1.50
N THR A 266 15.85 4.01 -0.76
CA THR A 266 14.98 3.02 -0.16
C THR A 266 15.02 3.11 1.35
N LEU A 267 13.84 3.31 1.93
CA LEU A 267 13.68 3.27 3.37
C LEU A 267 13.29 1.84 3.76
N ASN A 268 14.27 1.11 4.28
CA ASN A 268 14.10 -0.28 4.55
C ASN A 268 15.27 -0.75 5.43
N HIS A 269 15.08 -1.80 6.18
CA HIS A 269 16.18 -2.33 7.00
C HIS A 269 16.68 -3.72 6.60
N LYS A 270 16.02 -4.30 5.59
N LYS A 270 16.32 -4.21 5.39
CA LYS A 270 16.54 -5.44 4.85
CA LYS A 270 16.61 -5.63 5.00
C LYS A 270 17.29 -4.85 3.71
C LYS A 270 17.71 -5.87 3.93
N HIS A 271 18.44 -5.45 3.42
N HIS A 271 18.21 -4.81 3.33
CA HIS A 271 19.40 -4.88 2.49
CA HIS A 271 19.40 -4.90 2.53
C HIS A 271 19.38 -5.58 1.15
C HIS A 271 19.19 -5.86 1.35
N TYR A 272 18.20 -5.58 0.49
CA TYR A 272 18.03 -6.29 -0.77
C TYR A 272 19.17 -5.88 -1.74
N ARG A 273 19.79 -6.84 -2.38
CA ARG A 273 20.91 -6.48 -3.24
C ARG A 273 20.37 -5.70 -4.45
N ILE A 274 20.96 -4.53 -4.65
CA ILE A 274 20.65 -3.68 -5.75
C ILE A 274 21.39 -4.16 -7.00
N PRO A 275 20.70 -4.13 -8.16
CA PRO A 275 21.29 -4.44 -9.45
C PRO A 275 22.57 -3.62 -9.76
N LEU A 276 23.53 -4.27 -10.41
CA LEU A 276 24.78 -3.62 -10.80
C LEU A 276 24.54 -2.29 -11.50
N SER A 277 23.57 -2.23 -12.40
CA SER A 277 23.41 -1.04 -13.23
C SER A 277 22.97 0.18 -12.41
N ILE A 278 22.50 -0.01 -11.19
CA ILE A 278 22.17 1.17 -10.34
C ILE A 278 22.95 1.35 -9.03
N ARG A 279 24.07 0.65 -8.88
CA ARG A 279 24.84 0.73 -7.63
CA ARG A 279 24.89 0.72 -7.67
C ARG A 279 25.29 2.17 -7.29
N ARG A 280 25.68 2.94 -8.30
CA ARG A 280 26.14 4.33 -8.09
C ARG A 280 24.98 5.33 -7.90
N GLN A 281 23.76 4.83 -8.00
CA GLN A 281 22.56 5.66 -7.96
C GLN A 281 21.66 5.30 -6.81
N SER A 282 22.14 4.51 -5.87
CA SER A 282 21.26 3.91 -4.85
C SER A 282 21.71 4.18 -3.41
N LEU A 283 20.73 4.42 -2.54
CA LEU A 283 20.98 4.65 -1.12
C LEU A 283 19.92 3.95 -0.28
N GLU A 284 20.37 3.21 0.74
CA GLU A 284 19.49 2.54 1.67
CA GLU A 284 19.44 2.57 1.70
C GLU A 284 19.52 3.31 3.03
N LEU A 285 18.35 3.73 3.51
CA LEU A 285 18.22 4.40 4.79
C LEU A 285 17.47 3.50 5.74
N THR A 286 18.15 3.07 6.79
CA THR A 286 17.72 2.00 7.66
C THR A 286 16.91 2.38 8.93
N GLU A 287 16.91 3.67 9.27
CA GLU A 287 16.23 4.13 10.48
C GLU A 287 14.72 3.94 10.43
N HIS A 288 14.13 3.72 11.61
CA HIS A 288 12.70 3.47 11.72
C HIS A 288 11.93 4.50 10.92
N ILE A 289 11.02 4.05 10.04
CA ILE A 289 10.41 4.93 9.08
C ILE A 289 9.70 6.10 9.70
N ALA A 290 8.95 5.87 10.78
CA ALA A 290 8.19 6.99 11.40
C ALA A 290 9.09 8.09 11.93
N GLN A 291 10.11 7.69 12.69
CA GLN A 291 11.08 8.60 13.27
C GLN A 291 11.92 9.31 12.18
N LEU A 292 12.27 8.58 11.13
CA LEU A 292 13.03 9.14 10.02
C LEU A 292 12.22 10.19 9.24
N ILE A 293 10.96 9.87 8.93
CA ILE A 293 10.12 10.82 8.21
C ILE A 293 9.89 12.08 9.05
N SER A 294 9.60 11.90 10.34
CA SER A 294 9.42 13.04 11.28
C SER A 294 10.66 13.93 11.32
N ALA A 295 11.83 13.32 11.50
CA ALA A 295 13.11 14.07 11.54
C ALA A 295 13.38 14.80 10.23
N THR A 296 13.05 14.17 9.12
CA THR A 296 13.28 14.75 7.78
C THR A 296 12.38 15.96 7.57
N LYS A 297 11.11 15.85 7.99
CA LYS A 297 10.18 16.98 7.92
C LYS A 297 10.69 18.21 8.67
N THR A 298 11.17 18.00 9.87
CA THR A 298 11.67 19.13 10.69
C THR A 298 12.81 19.84 9.96
N ILE A 299 13.74 19.09 9.40
CA ILE A 299 14.86 19.69 8.62
C ILE A 299 14.38 20.37 7.34
N TYR A 300 13.52 19.65 6.62
CA TYR A 300 13.05 20.09 5.32
C TYR A 300 12.30 21.44 5.37
N GLN A 301 11.57 21.68 6.44
CA GLN A 301 10.68 22.86 6.47
C GLN A 301 11.38 24.21 6.75
N LYS A 302 12.55 24.16 7.37
CA LYS A 302 13.38 25.38 7.55
C LYS A 302 14.00 25.85 6.23
N GLY B . -14.15 10.04 4.91
CA GLY B . -12.90 10.83 4.76
C GLY B . -11.76 10.04 5.34
O GLY B . -11.17 10.41 6.36
OXT GLY B . -11.43 8.99 4.83
N GLY C . -15.10 2.52 -7.03
CA GLY C . -16.39 1.78 -7.15
C GLY C . -17.35 2.14 -6.04
O GLY C . -18.28 1.39 -5.75
OXT GLY C . -17.24 3.18 -5.40
N GLY D . -0.59 -5.51 -13.75
CA GLY D . -1.10 -4.48 -12.82
C GLY D . -1.61 -3.29 -13.58
O GLY D . -2.77 -3.24 -13.97
OXT GLY D . -0.85 -2.36 -13.83
N GLY E . 16.55 -8.24 10.14
CA GLY E . 16.70 -6.81 9.80
C GLY E . 17.96 -6.49 9.02
O GLY E . 18.21 -7.05 7.95
OXT GLY E . 18.75 -5.61 9.41
N GLY F . 18.59 -8.86 -10.45
CA GLY F . 18.06 -8.24 -9.21
C GLY F . 18.94 -8.51 -8.01
O GLY F . 18.66 -9.39 -7.21
OXT GLY F . 19.95 -7.83 -7.82
ZN ZN G . -20.30 -11.86 -11.45
C1 EDO H . -0.60 -2.84 4.62
O1 EDO H . -0.71 -4.26 4.39
C2 EDO H . -1.90 -2.18 4.17
O2 EDO H . -2.44 -2.90 3.05
C1 EDO I . -14.70 -19.09 0.40
O1 EDO I . -14.54 -20.51 0.42
C2 EDO I . -13.47 -18.41 -0.18
O2 EDO I . -12.38 -18.44 0.76
C1 EDO J . -12.22 -2.03 14.00
O1 EDO J . -13.55 -1.53 14.24
C2 EDO J . -11.40 -2.02 15.27
O2 EDO J . -10.62 -0.82 15.34
C1 EDO K . 10.49 21.23 -7.84
O1 EDO K . 10.84 21.30 -6.45
C2 EDO K . 9.21 20.45 -8.00
O2 EDO K . 9.46 19.06 -7.77
C1 EDO L . -0.13 -6.28 0.44
O1 EDO L . 1.09 -6.03 1.19
C2 EDO L . -1.24 -5.29 0.82
O2 EDO L . -2.10 -4.96 -0.29
C1 EDO M . -10.22 12.07 2.04
O1 EDO M . -11.62 12.37 1.81
C2 EDO M . -9.51 11.76 0.71
O2 EDO M . -8.30 12.55 0.65
C1 EDO N . -4.69 17.61 -8.80
O1 EDO N . -5.85 17.02 -8.21
C2 EDO N . -3.51 16.68 -8.61
O2 EDO N . -3.03 16.28 -9.90
#